data_4PE0
#
_entry.id   4PE0
#
_cell.length_a   35.180
_cell.length_b   56.270
_cell.length_c   48.050
_cell.angle_alpha   90.000
_cell.angle_beta   108.790
_cell.angle_gamma   90.000
#
_symmetry.space_group_name_H-M   'P 1 21 1'
#
loop_
_entity.id
_entity.type
_entity.pdbx_description
1 polymer 'Protein S100-B'
2 non-polymer 2-[(2-hydroxyethyl)sulfanyl]naphthalene-1,4-dione
3 non-polymer 'CALCIUM ION'
4 water water
#
_entity_poly.entity_id   1
_entity_poly.type   'polypeptide(L)'
_entity_poly.pdbx_seq_one_letter_code
;MSELEKAVVALIDVFHQYSGREGDKHKLKKSELKELINNELSHFLEEIKEQEVVDKVMETLDSDGDGECDFQEFMAFVAM
ITTACHEFFEHE
;
_entity_poly.pdbx_strand_id   X,A
#
# COMPACT_ATOMS: atom_id res chain seq x y z
N MET A 1 11.94 -10.90 7.32
CA MET A 1 10.85 -9.89 7.33
C MET A 1 9.54 -10.51 7.82
N SER A 2 8.72 -9.71 8.49
CA SER A 2 7.34 -10.09 8.74
C SER A 2 6.57 -10.08 7.42
N GLU A 3 5.35 -10.58 7.50
CA GLU A 3 4.45 -10.57 6.38
C GLU A 3 4.22 -9.14 5.87
N LEU A 4 4.09 -8.20 6.79
CA LEU A 4 3.83 -6.82 6.40
C LEU A 4 5.06 -6.20 5.76
N GLU A 5 6.23 -6.45 6.33
CA GLU A 5 7.45 -5.92 5.77
C GLU A 5 7.69 -6.49 4.37
N LYS A 6 7.42 -7.79 4.19
CA LYS A 6 7.57 -8.41 2.88
C LYS A 6 6.61 -7.78 1.88
N ALA A 7 5.40 -7.43 2.31
CA ALA A 7 4.41 -6.81 1.42
C ALA A 7 4.88 -5.43 0.97
N VAL A 8 5.43 -4.66 1.91
CA VAL A 8 5.98 -3.35 1.60
C VAL A 8 7.07 -3.46 0.53
N VAL A 9 7.99 -4.38 0.73
CA VAL A 9 9.06 -4.53 -0.23
C VAL A 9 8.54 -5.00 -1.59
N ALA A 10 7.55 -5.88 -1.58
CA ALA A 10 6.98 -6.36 -2.83
C ALA A 10 6.34 -5.24 -3.62
N LEU A 11 5.70 -4.28 -2.97
CA LEU A 11 5.11 -3.15 -3.69
C LEU A 11 6.17 -2.35 -4.42
N ILE A 12 7.28 -2.11 -3.75
CA ILE A 12 8.37 -1.37 -4.35
C ILE A 12 8.97 -2.16 -5.51
N ASP A 13 9.19 -3.44 -5.28
CA ASP A 13 9.77 -4.31 -6.30
C ASP A 13 8.91 -4.40 -7.55
N VAL A 14 7.60 -4.60 -7.40
CA VAL A 14 6.78 -4.75 -8.59
C VAL A 14 6.74 -3.45 -9.36
N PHE A 15 6.68 -2.32 -8.66
CA PHE A 15 6.67 -1.06 -9.36
C PHE A 15 7.90 -0.97 -10.24
N HIS A 16 9.06 -1.29 -9.69
CA HIS A 16 10.31 -1.18 -10.43
C HIS A 16 10.49 -2.23 -11.51
N GLN A 17 9.93 -3.40 -11.31
CA GLN A 17 9.96 -4.42 -12.37
C GLN A 17 9.34 -3.90 -13.67
N TYR A 18 8.38 -2.98 -13.53
CA TYR A 18 7.69 -2.43 -14.69
C TYR A 18 8.19 -1.03 -15.05
N SER A 19 8.50 -0.20 -14.06
CA SER A 19 8.90 1.16 -14.38
C SER A 19 10.26 1.21 -15.06
N GLY A 20 11.10 0.23 -14.76
CA GLY A 20 12.46 0.20 -15.25
C GLY A 20 12.62 -0.32 -16.67
N ARG A 21 11.52 -0.66 -17.32
CA ARG A 21 11.65 -1.31 -18.63
C ARG A 21 12.06 -0.36 -19.74
N GLU A 22 11.42 0.79 -19.78
CA GLU A 22 11.58 1.74 -20.87
C GLU A 22 11.49 3.16 -20.37
N GLY A 23 12.09 4.07 -21.14
CA GLY A 23 12.00 5.46 -20.81
C GLY A 23 12.57 5.74 -19.44
N ASP A 24 11.94 6.65 -18.71
CA ASP A 24 12.34 6.90 -17.33
C ASP A 24 12.16 5.65 -16.48
N LYS A 25 13.21 5.21 -15.81
CA LYS A 25 13.18 3.98 -15.05
C LYS A 25 12.39 4.07 -13.77
N HIS A 26 12.02 5.29 -13.38
CA HIS A 26 11.27 5.49 -12.13
C HIS A 26 9.81 5.90 -12.36
N LYS A 27 9.32 5.78 -13.58
CA LYS A 27 7.91 6.03 -13.85
C LYS A 27 7.39 4.97 -14.78
N LEU A 28 6.09 4.69 -14.65
CA LEU A 28 5.38 3.80 -15.57
C LEU A 28 4.79 4.62 -16.70
N LYS A 29 5.26 4.37 -17.91
CA LYS A 29 4.57 4.89 -19.08
C LYS A 29 3.36 3.99 -19.37
N LYS A 30 2.53 4.40 -20.32
CA LYS A 30 1.29 3.69 -20.57
C LYS A 30 1.51 2.20 -20.80
N SER A 31 2.48 1.84 -21.63
CA SER A 31 2.68 0.43 -21.93
C SER A 31 3.12 -0.37 -20.69
N GLU A 32 3.93 0.24 -19.83
CA GLU A 32 4.40 -0.41 -18.62
C GLU A 32 3.26 -0.60 -17.64
N LEU A 33 2.40 0.39 -17.50
CA LEU A 33 1.25 0.31 -16.64
C LEU A 33 0.30 -0.79 -17.12
N LYS A 34 0.06 -0.84 -18.43
CA LYS A 34 -0.79 -1.88 -18.99
C LYS A 34 -0.28 -3.27 -18.67
N GLU A 35 1.01 -3.49 -18.85
CA GLU A 35 1.58 -4.81 -18.58
C GLU A 35 1.52 -5.12 -17.10
N LEU A 36 1.75 -4.14 -16.24
CA LEU A 36 1.68 -4.40 -14.81
C LEU A 36 0.28 -4.90 -14.47
N ILE A 37 -0.74 -4.19 -14.95
CA ILE A 37 -2.12 -4.58 -14.66
C ILE A 37 -2.46 -5.96 -15.22
N ASN A 38 -2.08 -6.20 -16.46
CA ASN A 38 -2.46 -7.44 -17.11
C ASN A 38 -1.71 -8.64 -16.58
N ASN A 39 -0.47 -8.46 -16.15
CA ASN A 39 0.32 -9.58 -15.67
C ASN A 39 0.19 -9.77 -14.19
N GLU A 40 0.06 -8.69 -13.42
CA GLU A 40 0.16 -8.76 -11.98
C GLU A 40 -1.14 -8.54 -11.23
N LEU A 41 -2.20 -8.12 -11.93
CA LEU A 41 -3.49 -7.91 -11.29
C LEU A 41 -4.58 -8.70 -12.02
N SER A 42 -4.20 -9.81 -12.63
CA SER A 42 -5.11 -10.59 -13.46
C SER A 42 -6.22 -11.28 -12.70
N HIS A 43 -6.08 -11.43 -11.40
CA HIS A 43 -7.13 -12.05 -10.61
C HIS A 43 -8.02 -11.01 -9.97
N PHE A 44 -7.62 -9.74 -10.01
CA PHE A 44 -8.37 -8.70 -9.37
C PHE A 44 -9.07 -7.74 -10.33
N LEU A 45 -8.43 -7.44 -11.45
CA LEU A 45 -8.93 -6.43 -12.38
C LEU A 45 -9.13 -7.05 -13.75
N GLU A 46 -10.18 -6.64 -14.43
CA GLU A 46 -10.41 -7.11 -15.80
C GLU A 46 -9.21 -6.74 -16.67
N GLU A 47 -8.81 -7.70 -17.50
CA GLU A 47 -7.71 -7.49 -18.41
C GLU A 47 -7.96 -6.31 -19.33
N ILE A 48 -6.93 -5.51 -19.57
CA ILE A 48 -7.01 -4.41 -20.53
C ILE A 48 -6.74 -4.92 -21.96
N LYS A 49 -7.74 -4.76 -22.82
CA LYS A 49 -7.67 -5.19 -24.21
C LYS A 49 -7.92 -4.03 -25.19
N GLU A 50 -7.95 -2.81 -24.67
CA GLU A 50 -8.25 -1.64 -25.48
C GLU A 50 -7.38 -0.50 -25.04
N GLN A 51 -6.78 0.19 -26.01
CA GLN A 51 -5.94 1.33 -25.69
C GLN A 51 -6.73 2.44 -25.00
N GLU A 52 -8.04 2.56 -25.27
CA GLU A 52 -8.81 3.59 -24.59
C GLU A 52 -8.74 3.38 -23.08
N VAL A 53 -8.77 2.14 -22.64
CA VAL A 53 -8.73 1.88 -21.21
C VAL A 53 -7.38 2.25 -20.63
N VAL A 54 -6.30 1.93 -21.35
CA VAL A 54 -4.96 2.38 -20.94
C VAL A 54 -4.96 3.90 -20.71
N ASP A 55 -5.50 4.61 -21.69
CA ASP A 55 -5.48 6.07 -21.66
C ASP A 55 -6.28 6.56 -20.46
N LYS A 56 -7.45 5.98 -20.23
CA LYS A 56 -8.29 6.47 -19.15
C LYS A 56 -7.74 6.12 -17.77
N VAL A 57 -7.16 4.93 -17.61
CA VAL A 57 -6.55 4.57 -16.34
C VAL A 57 -5.38 5.50 -16.04
N MET A 58 -4.53 5.75 -17.03
CA MET A 58 -3.41 6.66 -16.80
C MET A 58 -3.92 8.05 -16.43
N GLU A 59 -4.96 8.53 -17.10
CA GLU A 59 -5.55 9.82 -16.76
C GLU A 59 -5.99 9.86 -15.30
N THR A 60 -6.62 8.79 -14.85
CA THR A 60 -7.07 8.73 -13.47
C THR A 60 -5.91 8.74 -12.47
N LEU A 61 -4.81 8.06 -12.79
CA LEU A 61 -3.70 7.88 -11.85
C LEU A 61 -2.67 9.00 -11.87
N ASP A 62 -2.59 9.71 -12.99
CA ASP A 62 -1.55 10.70 -13.21
C ASP A 62 -1.93 12.05 -12.59
N SER A 63 -1.77 12.15 -11.28
CA SER A 63 -2.14 13.37 -10.55
C SER A 63 -1.23 14.55 -10.84
N ASP A 64 0.03 14.32 -11.18
CA ASP A 64 0.96 15.45 -11.37
C ASP A 64 1.15 15.83 -12.85
N GLY A 65 0.41 15.18 -13.74
CA GLY A 65 0.28 15.61 -15.12
C GLY A 65 1.46 15.39 -16.05
N ASP A 66 2.44 14.60 -15.63
CA ASP A 66 3.62 14.39 -16.47
C ASP A 66 3.42 13.27 -17.49
N GLY A 67 2.19 12.75 -17.56
CA GLY A 67 1.83 11.74 -18.53
C GLY A 67 2.13 10.30 -18.14
N GLU A 68 2.68 10.12 -16.95
CA GLU A 68 3.12 8.80 -16.51
C GLU A 68 2.75 8.60 -15.06
N CYS A 69 2.94 7.39 -14.56
CA CYS A 69 2.60 7.06 -13.19
C CYS A 69 3.86 6.86 -12.37
N ASP A 70 4.11 7.75 -11.41
CA ASP A 70 5.29 7.64 -10.56
C ASP A 70 4.94 6.79 -9.33
N PHE A 71 5.91 6.63 -8.43
CA PHE A 71 5.68 5.74 -7.31
C PHE A 71 4.53 6.21 -6.42
N GLN A 72 4.48 7.51 -6.15
CA GLN A 72 3.40 8.06 -5.33
C GLN A 72 2.04 7.76 -5.92
N GLU A 73 1.93 7.93 -7.23
CA GLU A 73 0.69 7.70 -7.92
C GLU A 73 0.38 6.20 -7.94
N PHE A 74 1.40 5.37 -8.07
CA PHE A 74 1.21 3.92 -7.97
C PHE A 74 0.71 3.51 -6.58
N MET A 75 1.26 4.09 -5.54
CA MET A 75 0.80 3.77 -4.21
C MET A 75 -0.66 4.17 -4.01
N ALA A 76 -1.11 5.25 -4.62
CA ALA A 76 -2.52 5.61 -4.55
C ALA A 76 -3.36 4.55 -5.26
N PHE A 77 -2.87 4.04 -6.39
CA PHE A 77 -3.53 2.93 -7.08
C PHE A 77 -3.60 1.69 -6.19
N VAL A 78 -2.49 1.34 -5.55
CA VAL A 78 -2.49 0.19 -4.64
C VAL A 78 -3.51 0.41 -3.53
N ALA A 79 -3.60 1.61 -2.99
CA ALA A 79 -4.56 1.84 -1.92
C ALA A 79 -5.99 1.66 -2.43
N MET A 80 -6.26 2.09 -3.66
CA MET A 80 -7.59 1.91 -4.26
C MET A 80 -7.91 0.43 -4.41
N ILE A 81 -6.95 -0.34 -4.90
CA ILE A 81 -7.15 -1.76 -5.08
C ILE A 81 -7.37 -2.46 -3.74
N THR A 82 -6.50 -2.15 -2.78
CA THR A 82 -6.55 -2.84 -1.51
C THR A 82 -7.85 -2.51 -0.78
N THR A 83 -8.28 -1.24 -0.84
CA THR A 83 -9.58 -0.86 -0.27
C THR A 83 -10.73 -1.60 -0.95
N ALA A 84 -10.69 -1.73 -2.27
CA ALA A 84 -11.72 -2.47 -2.98
C ALA A 84 -11.75 -3.93 -2.55
N CYS A 85 -10.58 -4.55 -2.38
CA CYS A 85 -10.51 -5.93 -1.93
C CYS A 85 -11.06 -6.06 -0.53
N HIS A 86 -10.72 -5.12 0.32
CA HIS A 86 -11.18 -5.14 1.71
C HIS A 86 -12.71 -5.09 1.74
N GLU A 87 -13.29 -4.20 0.93
CA GLU A 87 -14.73 -4.04 0.87
C GLU A 87 -15.39 -5.29 0.30
N PHE A 88 -14.70 -5.94 -0.63
CA PHE A 88 -15.18 -7.18 -1.22
C PHE A 88 -15.49 -8.22 -0.15
N PHE A 89 -14.57 -8.39 0.80
CA PHE A 89 -14.77 -9.35 1.87
C PHE A 89 -15.68 -8.78 2.97
N MET B 1 -1.78 -16.48 -7.58
CA MET B 1 -1.62 -15.06 -7.17
C MET B 1 -0.26 -14.54 -7.58
N SER B 2 -0.23 -13.34 -8.13
CA SER B 2 1.04 -12.66 -8.34
C SER B 2 1.59 -12.15 -7.00
N GLU B 3 2.85 -11.76 -7.00
CA GLU B 3 3.43 -11.16 -5.81
C GLU B 3 2.68 -9.90 -5.38
N LEU B 4 2.26 -9.08 -6.35
CA LEU B 4 1.47 -7.90 -6.01
C LEU B 4 0.14 -8.27 -5.38
N GLU B 5 -0.57 -9.23 -5.96
CA GLU B 5 -1.84 -9.66 -5.39
C GLU B 5 -1.65 -10.23 -3.98
N LYS B 6 -0.61 -11.02 -3.78
CA LYS B 6 -0.30 -11.53 -2.46
C LYS B 6 0.01 -10.40 -1.48
N ALA B 7 0.68 -9.36 -1.93
CA ALA B 7 0.98 -8.22 -1.05
C ALA B 7 -0.29 -7.52 -0.62
N VAL B 8 -1.22 -7.32 -1.57
CA VAL B 8 -2.49 -6.69 -1.26
C VAL B 8 -3.23 -7.51 -0.21
N VAL B 9 -3.31 -8.82 -0.43
CA VAL B 9 -4.00 -9.68 0.50
C VAL B 9 -3.34 -9.65 1.87
N ALA B 10 -2.01 -9.60 1.90
CA ALA B 10 -1.28 -9.53 3.15
C ALA B 10 -1.65 -8.29 3.94
N LEU B 11 -1.88 -7.16 3.28
CA LEU B 11 -2.25 -5.94 3.98
C LEU B 11 -3.58 -6.13 4.72
N ILE B 12 -4.54 -6.71 4.01
CA ILE B 12 -5.85 -6.97 4.60
C ILE B 12 -5.74 -8.00 5.72
N ASP B 13 -4.94 -9.03 5.51
CA ASP B 13 -4.71 -10.09 6.49
C ASP B 13 -4.12 -9.52 7.77
N VAL B 14 -3.04 -8.76 7.64
CA VAL B 14 -2.40 -8.24 8.84
C VAL B 14 -3.34 -7.30 9.59
N PHE B 15 -4.04 -6.43 8.89
CA PHE B 15 -4.96 -5.53 9.59
C PHE B 15 -5.92 -6.32 10.47
N HIS B 16 -6.48 -7.37 9.90
CA HIS B 16 -7.44 -8.15 10.66
C HIS B 16 -6.86 -9.05 11.73
N GLN B 17 -5.58 -9.36 11.65
CA GLN B 17 -4.92 -10.10 12.72
C GLN B 17 -4.89 -9.28 14.01
N TYR B 18 -4.96 -7.96 13.87
CA TYR B 18 -4.80 -7.08 14.99
C TYR B 18 -6.10 -6.36 15.32
N SER B 19 -6.94 -6.08 14.32
CA SER B 19 -8.13 -5.27 14.60
C SER B 19 -9.20 -6.02 15.39
N GLY B 20 -9.21 -7.34 15.27
CA GLY B 20 -10.23 -8.14 15.93
C GLY B 20 -9.89 -8.60 17.34
N ARG B 21 -8.79 -8.12 17.93
CA ARG B 21 -8.35 -8.60 19.23
C ARG B 21 -9.17 -8.02 20.39
N GLU B 22 -9.48 -6.74 20.29
CA GLU B 22 -10.16 -6.03 21.35
C GLU B 22 -11.21 -5.12 20.75
N GLY B 23 -12.33 -4.98 21.46
CA GLY B 23 -13.35 -4.01 21.10
C GLY B 23 -13.87 -4.16 19.69
N ASP B 24 -14.01 -3.01 19.03
CA ASP B 24 -14.45 -2.89 17.65
C ASP B 24 -13.59 -3.82 16.81
N LYS B 25 -14.21 -4.77 16.15
CA LYS B 25 -13.46 -5.77 15.41
C LYS B 25 -12.90 -5.22 14.11
N HIS B 26 -13.33 -4.02 13.73
CA HIS B 26 -12.99 -3.49 12.42
C HIS B 26 -11.96 -2.36 12.48
N LYS B 27 -11.46 -2.08 13.69
CA LYS B 27 -10.54 -0.99 13.88
C LYS B 27 -9.47 -1.38 14.88
N LEU B 28 -8.32 -0.71 14.77
CA LEU B 28 -7.22 -0.86 15.72
C LEU B 28 -7.32 0.18 16.81
N LYS B 29 -7.50 -0.26 18.05
CA LYS B 29 -7.29 0.64 19.19
C LYS B 29 -5.80 0.73 19.50
N LYS B 30 -5.43 1.60 20.42
CA LYS B 30 -4.01 1.82 20.69
C LYS B 30 -3.23 0.54 21.00
N SER B 31 -3.78 -0.33 21.83
CA SER B 31 -3.06 -1.55 22.19
C SER B 31 -2.83 -2.43 20.97
N GLU B 32 -3.81 -2.50 20.08
CA GLU B 32 -3.71 -3.31 18.88
C GLU B 32 -2.70 -2.71 17.91
N LEU B 33 -2.70 -1.40 17.77
CA LEU B 33 -1.73 -0.72 16.93
C LEU B 33 -0.29 -0.90 17.45
N LYS B 34 -0.10 -0.79 18.76
CA LYS B 34 1.20 -1.04 19.37
C LYS B 34 1.66 -2.45 19.05
N GLU B 35 0.79 -3.43 19.26
CA GLU B 35 1.12 -4.82 19.01
C GLU B 35 1.45 -5.04 17.53
N LEU B 36 0.70 -4.42 16.63
CA LEU B 36 0.98 -4.55 15.20
C LEU B 36 2.38 -4.01 14.88
N ILE B 37 2.68 -2.82 15.36
CA ILE B 37 3.99 -2.23 15.07
C ILE B 37 5.13 -3.06 15.67
N ASN B 38 4.94 -3.51 16.90
CA ASN B 38 6.02 -4.20 17.58
C ASN B 38 6.29 -5.58 16.99
N ASN B 39 5.27 -6.21 16.42
CA ASN B 39 5.42 -7.56 15.89
C ASN B 39 5.57 -7.64 14.40
N GLU B 40 5.01 -6.67 13.66
CA GLU B 40 5.02 -6.72 12.21
C GLU B 40 5.90 -5.67 11.56
N LEU B 41 6.38 -4.70 12.32
CA LEU B 41 7.27 -3.69 11.79
C LEU B 41 8.55 -3.60 12.64
N SER B 42 8.97 -4.74 13.18
CA SER B 42 10.10 -4.78 14.10
C SER B 42 11.42 -4.44 13.44
N HIS B 43 11.50 -4.54 12.11
CA HIS B 43 12.74 -4.17 11.43
C HIS B 43 12.67 -2.75 10.88
N PHE B 44 11.47 -2.22 10.69
CA PHE B 44 11.30 -0.89 10.10
C PHE B 44 11.04 0.25 11.08
N LEU B 45 10.51 -0.06 12.26
CA LEU B 45 10.21 0.96 13.26
C LEU B 45 10.71 0.51 14.61
N GLU B 46 11.13 1.47 15.42
CA GLU B 46 11.61 1.17 16.77
C GLU B 46 10.46 0.61 17.60
N GLU B 47 10.78 -0.40 18.41
CA GLU B 47 9.82 -0.98 19.32
C GLU B 47 9.18 0.10 20.16
N ILE B 48 7.87 0.02 20.32
CA ILE B 48 7.16 0.97 21.16
C ILE B 48 7.10 0.48 22.58
N LYS B 49 7.57 1.33 23.50
CA LYS B 49 7.56 1.05 24.92
C LYS B 49 6.88 2.15 25.74
N GLU B 50 6.76 3.35 25.20
CA GLU B 50 6.25 4.49 25.96
C GLU B 50 4.86 4.91 25.47
N GLN B 51 3.96 5.24 26.42
CA GLN B 51 2.61 5.66 26.10
C GLN B 51 2.60 6.83 25.14
N GLU B 52 3.53 7.76 25.30
CA GLU B 52 3.48 8.95 24.51
C GLU B 52 3.74 8.58 23.06
N VAL B 53 4.53 7.53 22.82
CA VAL B 53 4.85 7.15 21.45
C VAL B 53 3.65 6.54 20.75
N VAL B 54 2.96 5.59 21.38
CA VAL B 54 1.78 5.07 20.72
C VAL B 54 0.69 6.14 20.61
N ASP B 55 0.58 7.04 21.60
CA ASP B 55 -0.38 8.14 21.48
C ASP B 55 -0.09 8.98 20.24
N LYS B 56 1.18 9.30 20.02
CA LYS B 56 1.54 10.13 18.88
C LYS B 56 1.29 9.41 17.56
N VAL B 57 1.63 8.12 17.50
CA VAL B 57 1.37 7.38 16.26
C VAL B 57 -0.13 7.38 15.97
N MET B 58 -0.95 7.07 16.97
CA MET B 58 -2.39 7.06 16.74
C MET B 58 -2.90 8.44 16.33
N GLU B 59 -2.39 9.49 16.97
CA GLU B 59 -2.80 10.86 16.62
C GLU B 59 -2.51 11.15 15.16
N THR B 60 -1.35 10.73 14.70
CA THR B 60 -0.92 10.95 13.34
C THR B 60 -1.78 10.17 12.34
N LEU B 61 -2.14 8.94 12.67
CA LEU B 61 -2.88 8.08 11.75
C LEU B 61 -4.40 8.28 11.77
N ASP B 62 -4.93 8.77 12.88
CA ASP B 62 -6.37 8.81 13.10
C ASP B 62 -7.00 10.03 12.47
N SER B 63 -7.10 10.00 11.15
CA SER B 63 -7.60 11.12 10.36
C SER B 63 -9.03 11.52 10.71
N ASP B 64 -9.87 10.57 11.11
CA ASP B 64 -11.28 10.91 11.40
C ASP B 64 -11.56 11.17 12.88
N GLY B 65 -10.53 11.10 13.72
CA GLY B 65 -10.63 11.57 15.09
C GLY B 65 -11.38 10.69 16.07
N ASP B 66 -11.74 9.48 15.67
CA ASP B 66 -12.55 8.60 16.53
C ASP B 66 -11.70 7.80 17.52
N GLY B 67 -10.39 8.02 17.51
CA GLY B 67 -9.51 7.39 18.48
C GLY B 67 -8.98 6.01 18.10
N GLU B 68 -9.43 5.50 16.96
CA GLU B 68 -8.94 4.22 16.48
C GLU B 68 -8.47 4.34 15.05
N CYS B 69 -7.73 3.32 14.59
CA CYS B 69 -7.25 3.30 13.22
C CYS B 69 -8.08 2.30 12.44
N ASP B 70 -8.87 2.81 11.50
CA ASP B 70 -9.67 1.94 10.64
C ASP B 70 -8.87 1.51 9.41
N PHE B 71 -9.49 0.75 8.52
CA PHE B 71 -8.69 0.19 7.44
C PHE B 71 -8.13 1.27 6.53
N GLN B 72 -8.92 2.27 6.20
CA GLN B 72 -8.44 3.34 5.34
C GLN B 72 -7.23 4.02 5.95
N GLU B 73 -7.31 4.25 7.25
CA GLU B 73 -6.23 4.91 7.96
C GLU B 73 -4.96 4.04 8.02
N PHE B 74 -5.18 2.74 8.16
CA PHE B 74 -4.08 1.78 8.11
C PHE B 74 -3.44 1.76 6.73
N MET B 75 -4.25 1.77 5.68
CA MET B 75 -3.70 1.81 4.33
C MET B 75 -2.85 3.05 4.14
N ALA B 76 -3.27 4.20 4.67
CA ALA B 76 -2.45 5.40 4.58
C ALA B 76 -1.12 5.24 5.36
N PHE B 77 -1.16 4.56 6.51
CA PHE B 77 0.06 4.23 7.25
C PHE B 77 0.98 3.37 6.39
N VAL B 78 0.44 2.33 5.78
CA VAL B 78 1.23 1.49 4.89
C VAL B 78 1.84 2.30 3.76
N ALA B 79 1.09 3.20 3.17
CA ALA B 79 1.65 4.02 2.11
C ALA B 79 2.79 4.90 2.61
N MET B 80 2.67 5.43 3.82
CA MET B 80 3.73 6.24 4.43
C MET B 80 5.02 5.42 4.59
N ILE B 81 4.87 4.23 5.13
CA ILE B 81 6.00 3.35 5.35
C ILE B 81 6.64 2.97 4.02
N THR B 82 5.82 2.58 3.05
CA THR B 82 6.33 2.11 1.78
C THR B 82 7.07 3.24 1.07
N THR B 83 6.51 4.44 1.11
CA THR B 83 7.14 5.59 0.49
C THR B 83 8.48 5.87 1.17
N ALA B 84 8.52 5.79 2.49
CA ALA B 84 9.76 6.09 3.20
C ALA B 84 10.82 5.06 2.84
N CYS B 85 10.42 3.79 2.83
CA CYS B 85 11.32 2.72 2.41
C CYS B 85 11.87 2.98 1.02
N HIS B 86 11.01 3.32 0.09
CA HIS B 86 11.48 3.43 -1.28
C HIS B 86 12.47 4.58 -1.45
N GLU B 87 12.44 5.55 -0.54
CA GLU B 87 13.35 6.70 -0.62
C GLU B 87 14.75 6.37 -0.12
N PHE B 88 14.93 5.21 0.52
CA PHE B 88 16.26 4.80 0.96
C PHE B 88 17.09 4.29 -0.21
N PHE B 89 16.43 4.02 -1.35
CA PHE B 89 17.07 3.52 -2.55
C PHE B 89 16.91 4.54 -3.67
N GLU B 90 17.59 4.34 -4.80
CA GLU B 90 17.37 5.24 -5.92
C GLU B 90 15.88 5.29 -6.21
N HIS B 91 15.36 6.50 -6.33
CA HIS B 91 13.92 6.64 -6.47
C HIS B 91 13.55 7.77 -7.41
N GLU B 92 14.52 8.25 -8.18
CA GLU B 92 14.29 9.29 -9.17
C GLU B 92 15.41 9.25 -10.20
#